data_7C2B
#
_entry.id   7C2B
#
_cell.length_a   68.738
_cell.length_b   83.943
_cell.length_c   69.041
_cell.angle_alpha   90.000
_cell.angle_beta   90.000
_cell.angle_gamma   90.000
#
_symmetry.space_group_name_H-M   'P 21 21 21'
#
loop_
_entity.id
_entity.type
_entity.pdbx_description
1 polymer 'Ferredoxin-thioredoxin reductase catalytic chain, chloroplastic'
2 polymer 'Ferredoxin-thioredoxin reductase variable chain, chloroplastic'
3 polymer 'Thioredoxin F2, chloroplastic'
4 non-polymer 'IRON/SULFUR CLUSTER'
5 non-polymer 'NITRATE ION'
6 non-polymer 'MAGNESIUM ION'
7 water water
#
loop_
_entity_poly.entity_id
_entity_poly.type
_entity_poly.pdbx_seq_one_letter_code
_entity_poly.pdbx_strand_id
1 'polypeptide(L)'
;AKTEPSEKSVEIMRKFSEQYARRSGTYFCVDKGVTSVVIKGLAEHKDSYGAPLCPCRHYDDKAAEVGQGFWNCPCVPMRE
RKECHCMLFLTPDNDFAGKDQTITSDEIKETTANM
;
A
2 'polypeptide(L)'
;DIAVKSAASVDADADLSSSTSLETEEDEKAKEKIGARVRVTVPLKVYHVVRVPEVELMGMEGFIKDYVVLWKGKKISANL
PFKVQFVKEIEGRGPVKFFTHLKEDEFELIDP
;
B
3 'polypeptide(L)'
;ETVNVTVGQVTEVDKDTFWPIVKAAGDKIVVLDMYTQWCGPSKVIAPKYKELSEKYQDMVFLKLDCNQDNKPLAKELGIR
VVPTFKILKDNKVVKEVTGAKYEDLLAAIEAARSG
;
C
#
# COMPACT_ATOMS: atom_id res chain seq x y z
N THR A 3 -3.12 -6.16 -18.27
CA THR A 3 -3.78 -7.24 -19.00
C THR A 3 -4.50 -8.17 -18.03
N GLU A 4 -5.26 -9.14 -18.55
CA GLU A 4 -5.97 -10.05 -17.67
C GLU A 4 -5.03 -11.16 -17.19
N PRO A 5 -5.09 -11.52 -15.92
CA PRO A 5 -4.23 -12.60 -15.42
C PRO A 5 -4.71 -13.95 -15.90
N SER A 6 -3.79 -14.91 -15.93
CA SER A 6 -4.15 -16.27 -16.33
C SER A 6 -5.11 -16.88 -15.33
N GLU A 7 -5.99 -17.75 -15.84
CA GLU A 7 -6.90 -18.49 -14.97
C GLU A 7 -6.15 -19.20 -13.87
N LYS A 8 -5.01 -19.81 -14.20
CA LYS A 8 -4.32 -20.64 -13.22
C LYS A 8 -3.75 -19.80 -12.08
N SER A 9 -3.20 -18.62 -12.41
CA SER A 9 -2.68 -17.73 -11.37
C SER A 9 -3.82 -17.17 -10.52
N VAL A 10 -4.97 -16.87 -11.12
CA VAL A 10 -6.10 -16.42 -10.32
C VAL A 10 -6.48 -17.50 -9.30
N GLU A 11 -6.56 -18.75 -9.75
CA GLU A 11 -6.93 -19.83 -8.85
C GLU A 11 -5.87 -20.04 -7.76
N ILE A 12 -4.59 -19.93 -8.10
CA ILE A 12 -3.53 -19.94 -7.08
C ILE A 12 -3.80 -18.88 -6.02
N MET A 13 -4.08 -17.65 -6.47
CA MET A 13 -4.23 -16.57 -5.51
C MET A 13 -5.57 -16.63 -4.78
N ARG A 14 -6.60 -17.23 -5.39
CA ARG A 14 -7.86 -17.44 -4.68
C ARG A 14 -7.68 -18.42 -3.54
N LYS A 15 -7.07 -19.58 -3.81
CA LYS A 15 -6.83 -20.58 -2.77
C LYS A 15 -5.98 -19.99 -1.65
N PHE A 16 -4.93 -19.26 -2.01
CA PHE A 16 -4.09 -18.57 -1.03
C PHE A 16 -4.93 -17.66 -0.15
N SER A 17 -5.79 -16.84 -0.75
CA SER A 17 -6.56 -15.88 0.03
C SER A 17 -7.44 -16.58 1.07
N GLU A 18 -8.04 -17.70 0.70
CA GLU A 18 -8.90 -18.43 1.63
C GLU A 18 -8.12 -18.98 2.82
N GLN A 19 -7.00 -19.68 2.56
CA GLN A 19 -6.29 -20.25 3.69
C GLN A 19 -5.61 -19.17 4.51
N TYR A 20 -5.15 -18.09 3.87
CA TYR A 20 -4.46 -17.08 4.67
C TYR A 20 -5.44 -16.28 5.51
N ALA A 21 -6.62 -15.99 4.97
CA ALA A 21 -7.66 -15.38 5.80
C ALA A 21 -7.97 -16.26 7.00
N ARG A 22 -8.11 -17.57 6.79
CA ARG A 22 -8.39 -18.45 7.92
C ARG A 22 -7.24 -18.45 8.93
N ARG A 23 -6.00 -18.58 8.42
CA ARG A 23 -4.86 -18.65 9.33
C ARG A 23 -4.66 -17.34 10.09
N SER A 24 -4.96 -16.20 9.48
CA SER A 24 -4.68 -14.93 10.14
C SER A 24 -5.89 -14.39 10.90
N GLY A 25 -7.01 -15.09 10.88
CA GLY A 25 -8.21 -14.60 11.55
C GLY A 25 -8.77 -13.36 10.92
N THR A 26 -8.68 -13.22 9.60
CA THR A 26 -9.22 -12.06 8.90
C THR A 26 -10.31 -12.50 7.93
N TYR A 27 -10.98 -11.50 7.38
CA TYR A 27 -12.21 -11.68 6.63
C TYR A 27 -12.18 -10.87 5.35
N PHE A 28 -12.95 -11.31 4.37
CA PHE A 28 -13.02 -10.58 3.12
C PHE A 28 -13.98 -9.40 3.24
N CYS A 29 -13.73 -8.38 2.41
CA CYS A 29 -14.52 -7.17 2.40
C CYS A 29 -15.98 -7.48 2.11
N VAL A 30 -16.89 -6.71 2.72
CA VAL A 30 -18.33 -6.90 2.47
C VAL A 30 -18.61 -6.87 0.97
N ASP A 31 -17.91 -6.00 0.24
CA ASP A 31 -17.98 -5.97 -1.21
C ASP A 31 -16.90 -6.92 -1.74
N LYS A 32 -17.30 -8.11 -2.17
CA LYS A 32 -16.33 -9.07 -2.67
C LYS A 32 -15.77 -8.70 -4.04
N GLY A 33 -16.30 -7.66 -4.68
CA GLY A 33 -15.62 -7.09 -5.83
C GLY A 33 -14.25 -6.56 -5.47
N VAL A 34 -14.11 -5.98 -4.27
CA VAL A 34 -12.80 -5.49 -3.82
C VAL A 34 -11.84 -6.66 -3.66
N THR A 35 -12.30 -7.72 -2.99
CA THR A 35 -11.54 -8.97 -2.85
C THR A 35 -11.09 -9.50 -4.21
N SER A 36 -12.03 -9.56 -5.15
CA SER A 36 -11.77 -10.18 -6.45
C SER A 36 -10.76 -9.37 -7.25
N VAL A 37 -10.86 -8.04 -7.20
CA VAL A 37 -9.93 -7.19 -7.91
C VAL A 37 -8.51 -7.38 -7.39
N VAL A 38 -8.34 -7.42 -6.06
CA VAL A 38 -7.00 -7.59 -5.51
C VAL A 38 -6.45 -8.97 -5.84
N ILE A 39 -7.29 -9.99 -5.79
CA ILE A 39 -6.84 -11.33 -6.13
C ILE A 39 -6.35 -11.35 -7.57
N LYS A 40 -7.05 -10.66 -8.47
CA LYS A 40 -6.59 -10.62 -9.86
C LYS A 40 -5.30 -9.82 -10.00
N GLY A 41 -5.11 -8.79 -9.18
CA GLY A 41 -3.85 -8.05 -9.21
C GLY A 41 -2.69 -8.90 -8.74
N LEU A 42 -2.90 -9.68 -7.68
CA LEU A 42 -1.87 -10.61 -7.24
C LEU A 42 -1.52 -11.59 -8.34
N ALA A 43 -2.54 -12.11 -9.03
CA ALA A 43 -2.32 -13.07 -10.11
C ALA A 43 -1.59 -12.43 -11.27
N GLU A 44 -1.98 -11.20 -11.63
CA GLU A 44 -1.33 -10.49 -12.73
C GLU A 44 0.14 -10.22 -12.43
N HIS A 45 0.44 -9.84 -11.19
CA HIS A 45 1.84 -9.60 -10.83
C HIS A 45 2.63 -10.90 -10.81
N LYS A 46 2.01 -12.00 -10.36
CA LYS A 46 2.68 -13.29 -10.46
C LYS A 46 3.01 -13.61 -11.92
N ASP A 47 2.03 -13.43 -12.82
CA ASP A 47 2.26 -13.66 -14.25
C ASP A 47 3.40 -12.80 -14.79
N SER A 48 3.39 -11.50 -14.48
CA SER A 48 4.30 -10.59 -15.15
C SER A 48 5.67 -10.53 -14.51
N TYR A 49 5.73 -10.60 -13.17
CA TYR A 49 6.98 -10.38 -12.45
C TYR A 49 7.50 -11.62 -11.75
N GLY A 50 6.72 -12.68 -11.66
CA GLY A 50 7.13 -13.89 -10.98
C GLY A 50 6.72 -13.97 -9.53
N ALA A 51 6.08 -12.93 -8.98
CA ALA A 51 5.68 -12.98 -7.58
C ALA A 51 4.50 -12.05 -7.37
N PRO A 52 3.56 -12.38 -6.50
CA PRO A 52 2.38 -11.52 -6.28
C PRO A 52 2.72 -10.29 -5.44
N LEU A 53 3.43 -9.34 -6.05
CA LEU A 53 3.64 -8.06 -5.39
C LEU A 53 2.30 -7.39 -5.14
N CYS A 54 2.22 -6.70 -4.01
CA CYS A 54 1.06 -5.93 -3.62
C CYS A 54 0.56 -5.09 -4.79
N PRO A 55 -0.71 -5.24 -5.19
CA PRO A 55 -1.23 -4.41 -6.28
C PRO A 55 -1.57 -2.99 -5.87
N CYS A 56 -1.49 -2.65 -4.59
CA CYS A 56 -1.73 -1.28 -4.13
C CYS A 56 -0.43 -0.59 -3.72
N ARG A 57 0.65 -0.93 -4.39
CA ARG A 57 1.93 -0.25 -4.25
C ARG A 57 2.48 0.04 -5.64
N HIS A 58 3.26 1.11 -5.75
CA HIS A 58 4.00 1.39 -6.99
C HIS A 58 5.47 1.10 -6.79
N TYR A 59 6.09 0.48 -7.79
CA TYR A 59 7.47 0.01 -7.70
C TYR A 59 8.32 0.58 -8.82
N ASP A 60 9.60 0.82 -8.51
CA ASP A 60 10.58 1.17 -9.52
C ASP A 60 11.07 -0.11 -10.22
N ASP A 61 12.01 -0.82 -9.61
CA ASP A 61 12.55 -2.04 -10.22
C ASP A 61 11.79 -3.24 -9.71
N LYS A 62 10.94 -3.84 -10.56
CA LYS A 62 10.11 -4.96 -10.15
C LYS A 62 10.95 -6.16 -9.73
N ALA A 63 12.02 -6.46 -10.48
CA ALA A 63 12.80 -7.65 -10.16
C ALA A 63 13.47 -7.53 -8.79
N ALA A 64 13.87 -6.31 -8.43
CA ALA A 64 14.49 -6.10 -7.12
C ALA A 64 13.46 -6.24 -6.01
N GLU A 65 12.25 -5.73 -6.23
CA GLU A 65 11.19 -5.90 -5.24
C GLU A 65 10.82 -7.38 -5.07
N VAL A 66 10.75 -8.13 -6.17
CA VAL A 66 10.49 -9.57 -6.07
C VAL A 66 11.58 -10.25 -5.25
N GLY A 67 12.84 -9.92 -5.53
CA GLY A 67 13.93 -10.56 -4.80
C GLY A 67 13.94 -10.20 -3.32
N GLN A 68 13.72 -8.93 -2.99
CA GLN A 68 13.79 -8.55 -1.59
C GLN A 68 12.55 -9.01 -0.82
N GLY A 69 11.37 -8.91 -1.41
CA GLY A 69 10.20 -9.63 -0.92
C GLY A 69 9.31 -8.92 0.08
N PHE A 70 9.67 -7.70 0.51
CA PHE A 70 8.88 -7.00 1.53
C PHE A 70 7.44 -6.87 1.11
N TRP A 71 7.19 -6.52 -0.16
CA TRP A 71 5.86 -6.26 -0.64
C TRP A 71 5.26 -7.46 -1.37
N ASN A 72 5.91 -8.63 -1.34
CA ASN A 72 5.29 -9.84 -1.87
C ASN A 72 4.18 -10.30 -0.94
N CYS A 73 2.99 -10.49 -1.49
CA CYS A 73 1.84 -10.83 -0.66
C CYS A 73 1.99 -12.25 -0.12
N PRO A 74 1.76 -12.49 1.18
CA PRO A 74 1.39 -11.52 2.21
C PRO A 74 2.58 -10.67 2.59
N CYS A 75 2.41 -9.35 2.51
CA CYS A 75 3.53 -8.44 2.71
C CYS A 75 3.94 -8.38 4.19
N VAL A 76 5.08 -7.74 4.46
CA VAL A 76 5.54 -7.62 5.84
C VAL A 76 4.53 -6.93 6.73
N PRO A 77 3.90 -5.82 6.33
CA PRO A 77 2.91 -5.21 7.25
C PRO A 77 1.76 -6.14 7.59
N MET A 78 1.33 -6.99 6.65
CA MET A 78 0.29 -7.96 6.94
C MET A 78 0.81 -9.06 7.87
N ARG A 79 1.98 -9.62 7.56
CA ARG A 79 2.49 -10.72 8.37
C ARG A 79 2.71 -10.30 9.82
N GLU A 80 3.22 -9.10 10.03
CA GLU A 80 3.60 -8.69 11.37
C GLU A 80 2.52 -7.91 12.08
N ARG A 81 1.82 -7.02 11.38
CA ARG A 81 0.86 -6.11 12.01
C ARG A 81 -0.57 -6.36 11.57
N LYS A 82 -0.80 -7.37 10.72
CA LYS A 82 -2.13 -7.62 10.14
C LYS A 82 -2.70 -6.37 9.47
N GLU A 83 -1.82 -5.61 8.84
CA GLU A 83 -2.22 -4.41 8.11
C GLU A 83 -2.25 -4.73 6.63
N CYS A 84 -3.44 -4.72 6.05
CA CYS A 84 -3.63 -5.00 4.62
C CYS A 84 -4.29 -3.79 3.98
N HIS A 85 -3.50 -2.88 3.40
CA HIS A 85 -4.11 -1.66 2.86
C HIS A 85 -4.84 -1.92 1.55
N CYS A 86 -4.63 -3.08 0.91
CA CYS A 86 -5.41 -3.50 -0.24
C CYS A 86 -6.85 -3.85 0.11
N MET A 87 -7.16 -4.03 1.38
CA MET A 87 -8.49 -4.48 1.86
C MET A 87 -8.82 -5.88 1.36
N LEU A 88 -7.78 -6.70 1.19
CA LEU A 88 -7.97 -8.13 0.96
C LEU A 88 -8.26 -8.88 2.26
N PHE A 89 -7.38 -8.73 3.26
CA PHE A 89 -7.51 -9.37 4.57
C PHE A 89 -7.87 -8.32 5.61
N LEU A 90 -9.11 -8.36 6.10
CA LEU A 90 -9.60 -7.33 7.01
C LEU A 90 -9.80 -7.91 8.39
N THR A 91 -9.35 -7.21 9.43
CA THR A 91 -9.59 -7.73 10.76
C THR A 91 -11.07 -7.57 11.11
N PRO A 92 -11.62 -8.41 12.00
CA PRO A 92 -13.07 -8.39 12.22
C PRO A 92 -13.60 -7.08 12.75
N ASP A 93 -12.77 -6.29 13.44
CA ASP A 93 -13.19 -4.98 13.94
C ASP A 93 -13.30 -3.94 12.83
N ASN A 94 -12.75 -4.20 11.65
CA ASN A 94 -12.84 -3.24 10.56
C ASN A 94 -14.29 -3.12 10.08
N ASP A 95 -14.72 -1.88 9.82
CA ASP A 95 -16.10 -1.61 9.42
C ASP A 95 -16.48 -2.28 8.11
N PHE A 96 -15.52 -2.54 7.23
CA PHE A 96 -15.83 -3.14 5.94
C PHE A 96 -15.58 -4.65 5.91
N ALA A 97 -15.22 -5.24 7.05
CA ALA A 97 -15.06 -6.69 7.11
C ALA A 97 -16.42 -7.36 7.08
N GLY A 98 -16.59 -8.31 6.15
CA GLY A 98 -17.76 -9.15 6.10
C GLY A 98 -17.58 -10.40 6.93
N LYS A 99 -18.44 -11.37 6.69
CA LYS A 99 -18.44 -12.60 7.47
C LYS A 99 -17.72 -13.75 6.77
N ASP A 100 -17.24 -13.57 5.55
CA ASP A 100 -16.74 -14.68 4.76
C ASP A 100 -15.22 -14.76 4.77
N GLN A 101 -14.71 -15.99 4.81
CA GLN A 101 -13.30 -16.29 4.54
C GLN A 101 -13.15 -17.15 3.30
N THR A 102 -14.19 -17.21 2.47
CA THR A 102 -14.17 -17.99 1.25
C THR A 102 -14.63 -17.09 0.11
N ILE A 103 -14.19 -17.43 -1.10
CA ILE A 103 -14.66 -16.73 -2.29
C ILE A 103 -14.47 -17.66 -3.48
N THR A 104 -15.51 -17.82 -4.29
CA THR A 104 -15.48 -18.77 -5.38
C THR A 104 -14.96 -18.10 -6.65
N SER A 105 -14.49 -18.94 -7.58
CA SER A 105 -14.11 -18.44 -8.90
C SER A 105 -15.27 -17.72 -9.57
N ASP A 106 -16.49 -18.24 -9.44
CA ASP A 106 -17.64 -17.57 -10.02
C ASP A 106 -17.83 -16.17 -9.42
N GLU A 107 -17.67 -16.03 -8.10
CA GLU A 107 -17.75 -14.70 -7.49
C GLU A 107 -16.68 -13.77 -8.07
N ILE A 108 -15.46 -14.28 -8.25
CA ILE A 108 -14.38 -13.46 -8.81
C ILE A 108 -14.74 -12.99 -10.22
N LYS A 109 -15.28 -13.89 -11.05
CA LYS A 109 -15.61 -13.50 -12.41
C LYS A 109 -16.82 -12.57 -12.45
N GLU A 110 -17.85 -12.88 -11.66
CA GLU A 110 -19.05 -12.05 -11.69
C GLU A 110 -18.75 -10.62 -11.25
N THR A 111 -18.06 -10.46 -10.11
CA THR A 111 -17.84 -9.12 -9.58
C THR A 111 -16.82 -8.31 -10.37
N THR A 112 -16.07 -8.90 -11.31
CA THR A 112 -15.10 -8.15 -12.09
C THR A 112 -15.44 -8.13 -13.58
N ALA A 113 -16.70 -8.39 -13.95
CA ALA A 113 -17.04 -8.45 -15.36
C ALA A 113 -17.19 -7.05 -15.96
N ASN A 114 -17.92 -6.18 -15.27
CA ASN A 114 -18.12 -4.79 -15.70
C ASN A 114 -18.68 -4.70 -17.12
N THR B 24 21.85 7.91 -0.08
CA THR B 24 21.51 9.14 0.62
C THR B 24 22.20 9.19 1.98
N GLU B 25 22.33 10.40 2.56
CA GLU B 25 22.85 10.50 3.90
C GLU B 25 21.96 9.77 4.89
N GLU B 26 20.63 9.85 4.70
CA GLU B 26 19.73 9.14 5.59
C GLU B 26 20.01 7.64 5.57
N ASP B 27 20.16 7.07 4.37
CA ASP B 27 20.47 5.65 4.25
C ASP B 27 21.83 5.32 4.88
N GLU B 28 22.81 6.19 4.66
CA GLU B 28 24.13 5.96 5.24
C GLU B 28 24.08 6.00 6.76
N LYS B 29 23.43 7.01 7.33
CA LYS B 29 23.34 7.11 8.78
C LYS B 29 22.46 6.01 9.37
N ALA B 30 21.50 5.50 8.60
CA ALA B 30 20.70 4.38 9.08
C ALA B 30 21.52 3.10 9.13
N LYS B 31 22.30 2.84 8.08
CA LYS B 31 23.16 1.65 8.05
C LYS B 31 24.17 1.68 9.19
N GLU B 32 24.61 2.86 9.61
CA GLU B 32 25.52 2.98 10.74
C GLU B 32 24.88 2.58 12.06
N LYS B 33 23.55 2.51 12.12
CA LYS B 33 22.85 2.09 13.32
C LYS B 33 22.66 0.58 13.42
N ILE B 34 23.15 -0.19 12.44
CA ILE B 34 23.05 -1.63 12.54
C ILE B 34 23.88 -2.10 13.72
N GLY B 35 23.27 -2.94 14.57
CA GLY B 35 23.88 -3.34 15.82
C GLY B 35 23.48 -2.50 17.01
N ALA B 36 22.90 -1.33 16.81
CA ALA B 36 22.60 -0.43 17.92
C ALA B 36 21.40 -0.93 18.71
N ARG B 37 21.44 -0.72 20.02
CA ARG B 37 20.30 -1.05 20.87
C ARG B 37 19.24 0.04 20.76
N VAL B 38 17.97 -0.39 20.70
CA VAL B 38 16.84 0.52 20.49
C VAL B 38 15.71 0.14 21.44
N ARG B 39 14.85 1.11 21.71
CA ARG B 39 13.64 0.92 22.50
C ARG B 39 12.45 1.38 21.66
N VAL B 40 11.38 0.58 21.64
CA VAL B 40 10.18 0.97 20.91
C VAL B 40 9.46 2.06 21.69
N THR B 41 9.10 3.14 21.01
CA THR B 41 8.61 4.34 21.67
C THR B 41 7.14 4.64 21.41
N VAL B 42 6.44 3.75 20.70
CA VAL B 42 5.04 3.96 20.33
C VAL B 42 4.29 2.65 20.54
N PRO B 43 2.97 2.73 20.70
CA PRO B 43 2.18 1.48 20.75
C PRO B 43 2.27 0.74 19.43
N LEU B 44 2.49 -0.57 19.52
CA LEU B 44 2.69 -1.37 18.33
C LEU B 44 2.43 -2.83 18.69
N LYS B 45 1.36 -3.41 18.15
CA LYS B 45 1.04 -4.82 18.34
C LYS B 45 1.55 -5.62 17.16
N VAL B 46 2.14 -6.79 17.43
CA VAL B 46 2.57 -7.68 16.35
C VAL B 46 1.98 -9.07 16.58
N TYR B 47 1.82 -9.80 15.49
CA TYR B 47 1.00 -11.00 15.46
C TYR B 47 1.75 -12.22 14.96
N HIS B 48 3.02 -12.10 14.60
CA HIS B 48 3.76 -13.18 13.96
C HIS B 48 4.69 -13.95 14.91
N VAL B 49 4.70 -13.64 16.20
CA VAL B 49 5.64 -14.30 17.09
C VAL B 49 5.13 -15.71 17.35
N VAL B 50 6.02 -16.69 17.21
CA VAL B 50 5.59 -18.09 17.18
C VAL B 50 4.90 -18.44 18.50
N ARG B 51 3.65 -18.90 18.39
CA ARG B 51 2.84 -19.35 19.52
C ARG B 51 2.58 -18.23 20.53
N VAL B 52 2.73 -16.97 20.12
CA VAL B 52 2.29 -15.84 20.93
C VAL B 52 1.36 -15.00 20.07
N PRO B 53 0.04 -15.14 20.21
CA PRO B 53 -0.87 -14.50 19.26
C PRO B 53 -0.70 -12.99 19.13
N GLU B 54 -0.34 -12.29 20.21
CA GLU B 54 -0.29 -10.83 20.16
C GLU B 54 0.76 -10.35 21.15
N VAL B 55 1.67 -9.49 20.68
CA VAL B 55 2.72 -8.93 21.51
C VAL B 55 2.65 -7.41 21.38
N GLU B 56 2.63 -6.72 22.50
CA GLU B 56 2.73 -5.26 22.53
C GLU B 56 4.20 -4.89 22.64
N LEU B 57 4.71 -4.14 21.67
CA LEU B 57 6.14 -3.88 21.62
C LEU B 57 6.56 -2.62 22.37
N MET B 58 5.62 -1.74 22.71
CA MET B 58 6.04 -0.46 23.28
C MET B 58 6.84 -0.68 24.55
N GLY B 59 8.01 -0.04 24.61
CA GLY B 59 8.87 -0.18 25.76
C GLY B 59 9.84 -1.35 25.69
N MET B 60 9.67 -2.27 24.75
CA MET B 60 10.61 -3.37 24.62
C MET B 60 11.91 -2.89 23.99
N GLU B 61 13.00 -3.51 24.39
CA GLU B 61 14.32 -3.16 23.93
C GLU B 61 14.91 -4.30 23.10
N GLY B 62 15.56 -3.93 22.00
CA GLY B 62 16.21 -4.91 21.15
C GLY B 62 17.38 -4.28 20.43
N PHE B 63 17.83 -4.85 19.33
CA PHE B 63 18.90 -4.22 18.58
C PHE B 63 18.62 -4.32 17.10
N ILE B 64 19.15 -3.36 16.36
CA ILE B 64 18.91 -3.33 14.92
C ILE B 64 19.73 -4.44 14.27
N LYS B 65 19.02 -5.41 13.70
CA LYS B 65 19.65 -6.53 13.02
C LYS B 65 20.07 -6.15 11.61
N ASP B 66 19.24 -5.39 10.90
CA ASP B 66 19.54 -5.02 9.54
C ASP B 66 18.80 -3.75 9.20
N TYR B 67 19.31 -3.06 8.19
CA TYR B 67 18.61 -1.98 7.52
C TYR B 67 18.67 -2.29 6.04
N VAL B 68 17.53 -2.55 5.44
CA VAL B 68 17.54 -3.01 4.05
C VAL B 68 16.68 -2.06 3.23
N VAL B 69 17.33 -1.25 2.40
CA VAL B 69 16.66 -0.47 1.38
C VAL B 69 17.25 -0.74 0.00
N LEU B 70 18.25 -1.60 -0.08
CA LEU B 70 18.84 -2.02 -1.35
C LEU B 70 18.70 -3.52 -1.48
N TRP B 71 18.60 -3.99 -2.72
CA TRP B 71 18.71 -5.40 -3.03
C TRP B 71 19.50 -5.54 -4.31
N LYS B 72 20.63 -6.25 -4.23
CA LYS B 72 21.61 -6.33 -5.31
C LYS B 72 21.89 -4.94 -5.88
N GLY B 73 22.04 -3.96 -4.99
CA GLY B 73 22.41 -2.62 -5.37
C GLY B 73 21.29 -1.72 -5.85
N LYS B 74 20.08 -2.25 -6.01
CA LYS B 74 18.91 -1.48 -6.45
C LYS B 74 18.11 -1.02 -5.24
N LYS B 75 17.65 0.22 -5.26
CA LYS B 75 16.84 0.72 -4.15
C LYS B 75 15.45 0.09 -4.20
N ILE B 76 14.94 -0.35 -3.05
CA ILE B 76 13.60 -0.93 -2.98
C ILE B 76 12.77 -0.13 -1.98
N SER B 77 11.46 -0.42 -1.94
CA SER B 77 10.50 0.50 -1.35
C SER B 77 9.92 0.04 -0.01
N ALA B 78 10.55 -0.94 0.64
CA ALA B 78 10.15 -1.34 1.98
C ALA B 78 9.99 -0.13 2.89
N ASN B 79 8.82 -0.02 3.54
CA ASN B 79 8.55 1.16 4.37
C ASN B 79 8.74 0.91 5.86
N LEU B 80 9.16 -0.28 6.27
CA LEU B 80 9.59 -0.56 7.64
C LEU B 80 11.02 -1.11 7.54
N PRO B 81 12.01 -0.25 7.25
CA PRO B 81 13.31 -0.78 6.81
C PRO B 81 14.22 -1.32 7.90
N PHE B 82 13.98 -1.03 9.18
CA PHE B 82 14.82 -1.52 10.27
C PHE B 82 14.32 -2.86 10.75
N LYS B 83 15.12 -3.91 10.56
CA LYS B 83 14.79 -5.22 11.11
C LYS B 83 15.40 -5.29 12.50
N VAL B 84 14.58 -5.42 13.53
CA VAL B 84 15.01 -5.33 14.91
C VAL B 84 14.82 -6.68 15.58
N GLN B 85 15.86 -7.14 16.29
CA GLN B 85 15.80 -8.40 17.02
C GLN B 85 15.37 -8.14 18.46
N PHE B 86 14.34 -8.87 18.90
CA PHE B 86 13.85 -8.80 20.27
C PHE B 86 13.94 -10.19 20.89
N VAL B 87 14.07 -10.23 22.21
CA VAL B 87 13.85 -11.45 22.99
C VAL B 87 12.85 -11.12 24.07
N LYS B 88 11.78 -11.92 24.16
CA LYS B 88 10.74 -11.69 25.15
C LYS B 88 10.58 -12.92 26.02
N GLU B 89 10.61 -12.70 27.34
CA GLU B 89 10.41 -13.78 28.30
C GLU B 89 8.94 -14.17 28.32
N ILE B 90 8.66 -15.47 28.15
CA ILE B 90 7.30 -15.97 28.16
C ILE B 90 7.18 -17.01 29.26
N GLU B 91 6.28 -16.77 30.20
CA GLU B 91 6.08 -17.66 31.33
C GLU B 91 5.74 -19.06 30.85
N GLY B 92 6.46 -20.05 31.37
CA GLY B 92 6.30 -21.42 30.93
C GLY B 92 7.02 -21.77 29.65
N ARG B 93 7.84 -20.86 29.11
CA ARG B 93 8.55 -21.09 27.86
C ARG B 93 9.99 -20.59 27.85
N GLY B 94 10.33 -19.57 28.64
CA GLY B 94 11.65 -18.98 28.59
C GLY B 94 11.74 -17.94 27.49
N PRO B 95 12.96 -17.57 27.13
CA PRO B 95 13.14 -16.49 26.15
C PRO B 95 12.71 -16.91 24.76
N VAL B 96 11.96 -16.02 24.10
CA VAL B 96 11.52 -16.23 22.72
C VAL B 96 12.12 -15.10 21.87
N LYS B 97 12.94 -15.47 20.91
CA LYS B 97 13.60 -14.51 20.04
C LYS B 97 12.77 -14.31 18.77
N PHE B 98 12.64 -13.06 18.35
CA PHE B 98 11.90 -12.76 17.14
C PHE B 98 12.40 -11.45 16.54
N PHE B 99 11.98 -11.20 15.30
CA PHE B 99 12.30 -9.98 14.59
C PHE B 99 11.01 -9.23 14.29
N THR B 100 11.11 -7.91 14.25
CA THR B 100 10.01 -7.04 13.86
C THR B 100 10.60 -5.92 13.01
N HIS B 101 9.90 -5.57 11.93
CA HIS B 101 10.31 -4.46 11.08
C HIS B 101 9.74 -3.15 11.60
N LEU B 102 10.60 -2.13 11.73
CA LEU B 102 10.21 -0.82 12.24
C LEU B 102 10.66 0.27 11.29
N LYS B 103 10.01 1.42 11.39
CA LYS B 103 10.51 2.64 10.78
C LYS B 103 11.02 3.58 11.86
N GLU B 104 11.73 4.62 11.42
CA GLU B 104 12.56 5.41 12.32
C GLU B 104 11.74 6.09 13.41
N ASP B 105 10.50 6.48 13.12
CA ASP B 105 9.74 7.19 14.13
C ASP B 105 9.07 6.26 15.15
N GLU B 106 9.39 4.97 15.15
CA GLU B 106 8.80 4.06 16.12
C GLU B 106 9.76 3.66 17.23
N PHE B 107 11.00 4.12 17.20
CA PHE B 107 11.96 3.72 18.21
C PHE B 107 12.95 4.83 18.45
N GLU B 108 13.71 4.69 19.53
CA GLU B 108 14.81 5.60 19.87
C GLU B 108 16.05 4.78 20.17
N LEU B 109 17.21 5.33 19.83
CA LEU B 109 18.47 4.72 20.23
C LEU B 109 18.62 4.73 21.75
N ILE B 110 19.15 3.66 22.31
CA ILE B 110 19.31 3.56 23.75
C ILE B 110 20.62 4.19 24.22
N ASP B 111 21.73 3.78 23.60
CA ASP B 111 23.10 4.14 24.02
C ASP B 111 23.47 3.45 25.32
N VAL C 5 -9.95 20.06 -21.39
CA VAL C 5 -10.61 19.27 -20.36
C VAL C 5 -12.02 19.77 -20.08
N THR C 6 -12.99 18.85 -20.14
CA THR C 6 -14.33 19.17 -19.63
C THR C 6 -14.29 19.18 -18.11
N VAL C 7 -14.65 20.30 -17.51
CA VAL C 7 -14.74 20.35 -16.06
C VAL C 7 -16.12 19.84 -15.65
N GLY C 8 -16.26 19.48 -14.39
CA GLY C 8 -17.41 18.74 -13.92
C GLY C 8 -17.30 17.25 -14.12
N GLN C 9 -16.18 16.76 -14.64
CA GLN C 9 -15.97 15.34 -14.85
C GLN C 9 -14.50 15.02 -14.64
N VAL C 10 -14.17 13.73 -14.66
CA VAL C 10 -12.81 13.27 -14.42
C VAL C 10 -12.20 12.89 -15.76
N THR C 11 -11.04 13.47 -16.08
CA THR C 11 -10.40 13.25 -17.37
C THR C 11 -9.21 12.31 -17.21
N GLU C 12 -9.21 11.24 -17.98
CA GLU C 12 -8.05 10.35 -18.03
C GLU C 12 -6.88 11.06 -18.72
N VAL C 13 -5.70 10.99 -18.11
CA VAL C 13 -4.50 11.58 -18.68
C VAL C 13 -3.41 10.52 -18.74
N ASP C 14 -2.37 10.80 -19.53
CA ASP C 14 -1.20 9.93 -19.56
C ASP C 14 0.07 10.76 -19.43
N LYS C 15 1.23 10.13 -19.63
CA LYS C 15 2.50 10.81 -19.38
C LYS C 15 2.73 12.00 -20.31
N ASP C 16 2.04 12.03 -21.46
CA ASP C 16 2.21 13.11 -22.41
C ASP C 16 1.14 14.21 -22.29
N THR C 17 -0.05 13.89 -21.79
CA THR C 17 -1.10 14.91 -21.75
C THR C 17 -1.23 15.63 -20.41
N PHE C 18 -0.63 15.09 -19.35
CA PHE C 18 -0.87 15.60 -18.00
C PHE C 18 -0.33 17.01 -17.82
N TRP C 19 0.97 17.22 -18.02
CA TRP C 19 1.52 18.54 -17.73
C TRP C 19 0.93 19.63 -18.62
N PRO C 20 0.68 19.43 -19.92
CA PRO C 20 0.00 20.51 -20.68
C PRO C 20 -1.34 20.89 -20.10
N ILE C 21 -2.10 19.94 -19.57
CA ILE C 21 -3.36 20.28 -18.92
C ILE C 21 -3.12 21.12 -17.68
N VAL C 22 -2.10 20.75 -16.89
CA VAL C 22 -1.73 21.54 -15.71
C VAL C 22 -1.38 22.96 -16.13
N LYS C 23 -0.55 23.08 -17.16
CA LYS C 23 -0.17 24.40 -17.67
C LYS C 23 -1.39 25.22 -18.10
N ALA C 24 -2.36 24.56 -18.76
CA ALA C 24 -3.54 25.26 -19.26
C ALA C 24 -4.54 25.60 -18.17
N ALA C 25 -4.39 25.04 -16.97
CA ALA C 25 -5.38 25.24 -15.92
C ALA C 25 -5.43 26.67 -15.41
N GLY C 26 -4.36 27.44 -15.61
CA GLY C 26 -4.36 28.83 -15.18
C GLY C 26 -4.46 28.95 -13.68
N ASP C 27 -5.49 29.66 -13.21
CA ASP C 27 -5.73 29.84 -11.79
C ASP C 27 -6.59 28.73 -11.19
N LYS C 28 -6.99 27.73 -11.97
CA LYS C 28 -7.75 26.60 -11.44
C LYS C 28 -6.83 25.63 -10.72
N ILE C 29 -7.31 25.09 -9.60
CA ILE C 29 -6.62 24.01 -8.92
C ILE C 29 -6.87 22.69 -9.67
N VAL C 30 -5.84 21.86 -9.79
CA VAL C 30 -5.92 20.56 -10.43
C VAL C 30 -5.78 19.47 -9.36
N VAL C 31 -6.63 18.46 -9.44
CA VAL C 31 -6.54 17.28 -8.59
C VAL C 31 -6.23 16.08 -9.47
N LEU C 32 -5.34 15.21 -9.01
CA LEU C 32 -4.98 14.03 -9.78
C LEU C 32 -5.13 12.78 -8.93
N ASP C 33 -5.85 11.78 -9.46
CA ASP C 33 -6.00 10.47 -8.82
C ASP C 33 -5.04 9.51 -9.52
N MET C 34 -3.96 9.11 -8.84
CA MET C 34 -3.03 8.14 -9.40
C MET C 34 -3.46 6.75 -8.95
N TYR C 35 -3.82 5.91 -9.91
CA TYR C 35 -4.43 4.61 -9.62
C TYR C 35 -3.69 3.52 -10.38
N THR C 36 -4.03 2.27 -10.06
CA THR C 36 -3.64 1.12 -10.87
C THR C 36 -4.87 0.28 -11.15
N GLN C 37 -4.73 -0.59 -12.16
CA GLN C 37 -5.88 -1.37 -12.66
C GLN C 37 -6.42 -2.34 -11.61
N TRP C 38 -5.57 -2.87 -10.72
CA TRP C 38 -6.00 -3.95 -9.85
C TRP C 38 -5.93 -3.61 -8.35
N CYS C 39 -5.89 -2.32 -8.00
CA CYS C 39 -5.90 -1.94 -6.59
C CYS C 39 -7.35 -1.79 -6.15
N GLY C 40 -7.83 -2.71 -5.32
CA GLY C 40 -9.20 -2.68 -4.85
C GLY C 40 -9.67 -1.33 -4.34
N PRO C 41 -8.98 -0.76 -3.35
CA PRO C 41 -9.41 0.52 -2.78
C PRO C 41 -9.44 1.66 -3.79
N SER C 42 -8.61 1.62 -4.83
CA SER C 42 -8.72 2.59 -5.92
C SER C 42 -10.13 2.58 -6.49
N LYS C 43 -10.65 1.38 -6.76
CA LYS C 43 -11.97 1.25 -7.36
C LYS C 43 -13.06 1.66 -6.38
N VAL C 44 -12.83 1.50 -5.08
CA VAL C 44 -13.80 1.94 -4.08
C VAL C 44 -13.92 3.46 -4.09
N ILE C 45 -12.79 4.16 -4.11
CA ILE C 45 -12.87 5.61 -3.98
C ILE C 45 -13.17 6.27 -5.33
N ALA C 46 -12.99 5.57 -6.45
CA ALA C 46 -13.19 6.18 -7.76
C ALA C 46 -14.55 6.85 -7.95
N PRO C 47 -15.68 6.24 -7.58
CA PRO C 47 -16.97 6.95 -7.71
C PRO C 47 -17.07 8.16 -6.79
N LYS C 48 -16.44 8.13 -5.62
CA LYS C 48 -16.46 9.31 -4.76
C LYS C 48 -15.61 10.42 -5.34
N TYR C 49 -14.51 10.05 -6.00
CA TYR C 49 -13.70 11.03 -6.73
C TYR C 49 -14.48 11.67 -7.86
N LYS C 50 -15.28 10.86 -8.56
CA LYS C 50 -16.15 11.43 -9.60
C LYS C 50 -17.16 12.40 -9.00
N GLU C 51 -17.75 12.07 -7.84
CA GLU C 51 -18.70 13.01 -7.22
C GLU C 51 -18.03 14.31 -6.79
N LEU C 52 -16.79 14.24 -6.30
CA LEU C 52 -16.04 15.46 -5.99
C LEU C 52 -15.88 16.33 -7.24
N SER C 53 -15.60 15.70 -8.39
CA SER C 53 -15.45 16.48 -9.61
C SER C 53 -16.76 17.15 -10.01
N GLU C 54 -17.88 16.50 -9.74
CA GLU C 54 -19.18 17.10 -10.03
C GLU C 54 -19.56 18.18 -9.04
N LYS C 55 -19.03 18.13 -7.81
CA LYS C 55 -19.27 19.23 -6.88
C LYS C 55 -18.34 20.40 -7.17
N TYR C 56 -17.04 20.14 -7.25
CA TYR C 56 -16.04 21.21 -7.34
C TYR C 56 -15.81 21.56 -8.81
N GLN C 57 -16.81 22.19 -9.41
CA GLN C 57 -16.76 22.43 -10.85
C GLN C 57 -15.80 23.54 -11.24
N ASP C 58 -15.25 24.29 -10.27
CA ASP C 58 -14.19 25.27 -10.53
C ASP C 58 -12.79 24.68 -10.38
N MET C 59 -12.67 23.37 -10.25
CA MET C 59 -11.40 22.67 -10.20
C MET C 59 -11.34 21.63 -11.30
N VAL C 60 -10.14 21.23 -11.68
CA VAL C 60 -9.91 20.30 -12.77
C VAL C 60 -9.50 18.96 -12.17
N PHE C 61 -10.30 17.92 -12.41
CA PHE C 61 -10.07 16.59 -11.84
C PHE C 61 -9.55 15.64 -12.92
N LEU C 62 -8.41 15.00 -12.63
CA LEU C 62 -7.72 14.12 -13.56
C LEU C 62 -7.46 12.77 -12.90
N LYS C 63 -7.22 11.75 -13.71
CA LYS C 63 -6.80 10.47 -13.18
C LYS C 63 -5.74 9.89 -14.10
N LEU C 64 -4.76 9.21 -13.50
CA LEU C 64 -3.61 8.67 -14.21
C LEU C 64 -3.42 7.22 -13.82
N ASP C 65 -3.47 6.33 -14.80
CA ASP C 65 -3.20 4.90 -14.60
C ASP C 65 -1.68 4.73 -14.52
N CYS C 66 -1.16 4.37 -13.34
CA CYS C 66 0.28 4.22 -13.15
C CYS C 66 0.72 2.82 -13.60
N ASN C 67 0.75 2.65 -14.92
CA ASN C 67 1.17 1.40 -15.53
C ASN C 67 2.55 1.57 -16.14
N GLN C 68 2.99 0.58 -16.91
CA GLN C 68 4.32 0.62 -17.49
C GLN C 68 4.48 1.78 -18.46
N ASP C 69 3.47 2.02 -19.31
CA ASP C 69 3.57 3.11 -20.28
C ASP C 69 3.76 4.46 -19.58
N ASN C 70 3.08 4.67 -18.46
CA ASN C 70 3.06 5.98 -17.80
C ASN C 70 4.08 6.09 -16.67
N LYS C 71 4.92 5.09 -16.50
CA LYS C 71 5.89 5.07 -15.42
C LYS C 71 6.77 6.31 -15.35
N PRO C 72 7.25 6.90 -16.46
CA PRO C 72 8.07 8.12 -16.32
C PRO C 72 7.35 9.22 -15.57
N LEU C 73 6.06 9.41 -15.80
CA LEU C 73 5.32 10.44 -15.08
C LEU C 73 5.05 10.02 -13.65
N ALA C 74 4.71 8.74 -13.43
CA ALA C 74 4.57 8.27 -12.06
C ALA C 74 5.85 8.51 -11.26
N LYS C 75 7.01 8.24 -11.85
CA LYS C 75 8.27 8.44 -11.14
C LYS C 75 8.51 9.92 -10.88
N GLU C 76 8.21 10.78 -11.85
CA GLU C 76 8.42 12.21 -11.67
C GLU C 76 7.52 12.77 -10.59
N LEU C 77 6.24 12.39 -10.57
CA LEU C 77 5.33 12.91 -9.56
C LEU C 77 5.62 12.34 -8.19
N GLY C 78 6.11 11.09 -8.14
CA GLY C 78 6.31 10.42 -6.86
C GLY C 78 5.09 9.65 -6.39
N ILE C 79 5.17 8.33 -6.39
CA ILE C 79 4.05 7.53 -5.85
C ILE C 79 4.60 6.24 -5.27
N ARG C 80 4.15 5.89 -4.06
CA ARG C 80 4.49 4.62 -3.42
C ARG C 80 3.22 3.89 -3.00
N VAL C 81 2.30 4.59 -2.34
CA VAL C 81 1.00 4.07 -1.96
C VAL C 81 0.02 4.26 -3.11
N VAL C 82 -0.80 3.26 -3.37
CA VAL C 82 -1.92 3.38 -4.32
C VAL C 82 -3.21 3.26 -3.51
N PRO C 83 -4.17 4.19 -3.65
CA PRO C 83 -4.06 5.41 -4.45
C PRO C 83 -3.20 6.47 -3.81
N THR C 84 -2.74 7.38 -4.66
CA THR C 84 -2.19 8.65 -4.20
C THR C 84 -2.90 9.76 -4.96
N PHE C 85 -3.26 10.81 -4.25
CA PHE C 85 -3.83 12.01 -4.85
C PHE C 85 -2.82 13.15 -4.81
N LYS C 86 -2.74 13.90 -5.90
CA LYS C 86 -1.95 15.12 -5.95
C LYS C 86 -2.87 16.30 -6.17
N ILE C 87 -2.54 17.42 -5.54
CA ILE C 87 -3.20 18.69 -5.78
C ILE C 87 -2.16 19.64 -6.35
N LEU C 88 -2.48 20.27 -7.47
CA LEU C 88 -1.53 21.13 -8.18
C LEU C 88 -2.09 22.54 -8.32
N LYS C 89 -1.23 23.52 -8.05
CA LYS C 89 -1.51 24.92 -8.32
C LYS C 89 -0.31 25.50 -9.05
N ASP C 90 -0.55 26.41 -9.99
CA ASP C 90 0.54 27.17 -10.62
C ASP C 90 1.71 26.26 -11.01
N ASN C 91 1.38 25.27 -11.85
CA ASN C 91 2.34 24.41 -12.52
C ASN C 91 3.12 23.48 -11.59
N LYS C 92 2.68 23.27 -10.34
CA LYS C 92 3.43 22.35 -9.48
C LYS C 92 2.52 21.60 -8.52
N VAL C 93 3.01 20.45 -8.03
CA VAL C 93 2.35 19.76 -6.92
C VAL C 93 2.55 20.58 -5.65
N VAL C 94 1.45 20.88 -4.95
CA VAL C 94 1.53 21.55 -3.66
C VAL C 94 1.14 20.64 -2.49
N LYS C 95 0.42 19.55 -2.74
CA LYS C 95 -0.10 18.70 -1.68
C LYS C 95 -0.26 17.29 -2.23
N GLU C 96 -0.05 16.29 -1.37
CA GLU C 96 -0.41 14.93 -1.72
C GLU C 96 -1.21 14.30 -0.59
N VAL C 97 -2.08 13.34 -0.95
CA VAL C 97 -2.81 12.50 0.00
C VAL C 97 -2.61 11.05 -0.45
N THR C 98 -2.13 10.21 0.46
CA THR C 98 -1.91 8.79 0.15
C THR C 98 -3.06 7.95 0.72
N GLY C 99 -3.42 6.89 0.00
CA GLY C 99 -4.45 5.97 0.48
C GLY C 99 -5.83 6.33 -0.03
N ALA C 100 -6.79 5.47 0.30
CA ALA C 100 -8.16 5.64 -0.17
C ALA C 100 -9.01 6.31 0.91
N LYS C 101 -8.53 7.45 1.37
CA LYS C 101 -9.05 8.13 2.55
C LYS C 101 -9.90 9.30 2.09
N TYR C 102 -11.19 9.06 1.89
CA TYR C 102 -12.06 10.10 1.30
C TYR C 102 -12.03 11.38 2.12
N GLU C 103 -12.20 11.26 3.44
CA GLU C 103 -12.20 12.46 4.29
C GLU C 103 -10.85 13.18 4.25
N ASP C 104 -9.75 12.45 4.09
CA ASP C 104 -8.45 13.11 3.98
C ASP C 104 -8.35 13.88 2.66
N LEU C 105 -8.85 13.30 1.58
CA LEU C 105 -8.85 13.99 0.29
C LEU C 105 -9.72 15.23 0.34
N LEU C 106 -10.94 15.10 0.89
CA LEU C 106 -11.82 16.25 1.03
C LEU C 106 -11.15 17.37 1.82
N ALA C 107 -10.55 17.05 2.96
CA ALA C 107 -9.91 18.06 3.79
C ALA C 107 -8.75 18.74 3.06
N ALA C 108 -8.03 17.98 2.23
CA ALA C 108 -6.91 18.56 1.50
C ALA C 108 -7.39 19.49 0.40
N ILE C 109 -8.49 19.12 -0.28
CA ILE C 109 -9.08 20.01 -1.26
C ILE C 109 -9.54 21.30 -0.59
N GLU C 110 -10.23 21.16 0.55
CA GLU C 110 -10.72 22.35 1.26
C GLU C 110 -9.56 23.22 1.73
N ALA C 111 -8.49 22.60 2.22
CA ALA C 111 -7.31 23.37 2.64
C ALA C 111 -6.68 24.08 1.45
N ALA C 112 -6.61 23.42 0.30
CA ALA C 112 -6.01 24.02 -0.89
C ALA C 112 -6.83 25.21 -1.38
N ARG C 113 -8.14 25.20 -1.14
CA ARG C 113 -9.02 26.28 -1.59
C ARG C 113 -8.97 27.49 -0.67
N SER C 114 -8.52 27.32 0.57
CA SER C 114 -8.48 28.41 1.55
C SER C 114 -7.31 29.37 1.33
#